data_5MYK
#
_entry.id   5MYK
#
_cell.length_a   40.915
_cell.length_b   42.943
_cell.length_c   57.979
_cell.angle_alpha   83.850
_cell.angle_beta   83.340
_cell.angle_gamma   90.300
#
_symmetry.space_group_name_H-M   'P 1'
#
loop_
_entity.id
_entity.type
_entity.pdbx_description
1 polymer 'Fab c#17 light chain'
2 polymer 'Fab c#17 heavy chain'
3 polymer 'Amyloid beta A4 protein'
4 water water
#
loop_
_entity_poly.entity_id
_entity_poly.type
_entity_poly.pdbx_seq_one_letter_code
_entity_poly.pdbx_strand_id
1 'polypeptide(L)'
;DVVMTQTPLSLPVSLGDQASISCRSSQSLVHSDGNTYLHWYLQKPGQSPKLLIYKVSNRFSGVPDRFSGSGSGTDFTLKI
SRVEAEDLGVYFCSQSTHVPPTFGGGTKLEIKRADAAPTVSIFPPSSEQLTSGGASVVCFLNNFYPKDINVKWKIDGSER
QNGVLNSWTDQDSKDSTYSMSSTLTLTKDEYERHNSYTCEATHKTSTSPIVKSFNRNEC
;
A
2 'polypeptide(L)'
;EVKLVESGGGLVQPGGSRKLSCAASGFTFSDYGMAWVRQAPGKGPEWVAFISNLAYSIYYADTVTGRFTISRENAKNTLY
LEMSSLRSEDTAMYYCARYDYDNILDYVMDYWGQGTSVTVSSAKTTPPSVYPLAPGCGDTTGSSVTLGCLVKGYFPESVT
VTWNSGSLSSSVHTFPALLQSGLYTMSSSVTVPSSTWPSQTVTCSVAHPASSTTVDKKLEPSGPISTINPC
;
B
3 'polypeptide(L)' (PCA)FGHDSGFEVRHQKLV C
#
# COMPACT_ATOMS: atom_id res chain seq x y z
N ASP A 1 23.66 -0.67 -4.54
CA ASP A 1 23.24 -0.87 -3.16
C ASP A 1 23.13 -2.34 -2.84
N VAL A 2 23.10 -2.67 -1.55
CA VAL A 2 22.91 -4.05 -1.14
C VAL A 2 21.44 -4.40 -1.32
N VAL A 3 21.17 -5.46 -2.09
CA VAL A 3 19.81 -5.90 -2.37
C VAL A 3 19.39 -6.91 -1.32
N MET A 4 18.27 -6.65 -0.65
CA MET A 4 17.67 -7.55 0.34
C MET A 4 16.46 -8.22 -0.27
N THR A 5 16.50 -9.56 -0.33
CA THR A 5 15.47 -10.36 -0.98
C THR A 5 14.77 -11.24 0.04
N GLN A 6 13.48 -11.02 0.23
CA GLN A 6 12.67 -11.77 1.18
C GLN A 6 11.81 -12.81 0.45
N THR A 7 11.63 -13.96 1.11
CA THR A 7 10.76 -15.04 0.64
C THR A 7 10.06 -15.63 1.86
N PRO A 8 8.76 -15.95 1.77
CA PRO A 8 7.94 -15.67 0.59
C PRO A 8 7.43 -14.24 0.63
N LEU A 9 6.76 -13.82 -0.45
CA LEU A 9 6.11 -12.51 -0.45
C LEU A 9 4.98 -12.47 0.56
N SER A 10 4.24 -13.57 0.69
CA SER A 10 3.08 -13.68 1.56
C SER A 10 3.14 -15.04 2.25
N LEU A 11 2.94 -15.06 3.57
CA LEU A 11 2.96 -16.31 4.33
C LEU A 11 1.64 -16.52 5.07
N PRO A 12 0.79 -17.45 4.62
CA PRO A 12 -0.45 -17.72 5.36
C PRO A 12 -0.20 -18.63 6.55
N VAL A 13 -0.83 -18.31 7.68
CA VAL A 13 -0.67 -19.08 8.91
C VAL A 13 -2.01 -19.14 9.65
N SER A 14 -2.15 -20.19 10.46
CA SER A 14 -3.22 -20.26 11.44
C SER A 14 -2.69 -19.83 12.79
N LEU A 15 -3.50 -19.08 13.53
CA LEU A 15 -3.12 -18.68 14.88
C LEU A 15 -2.63 -19.88 15.67
N GLY A 16 -1.57 -19.68 16.45
CA GLY A 16 -0.99 -20.74 17.23
C GLY A 16 0.05 -21.58 16.53
N ASP A 17 0.25 -21.39 15.23
CA ASP A 17 1.23 -22.16 14.47
C ASP A 17 2.59 -21.46 14.45
N GLN A 18 3.58 -22.17 13.94
CA GLN A 18 4.93 -21.63 13.77
C GLN A 18 5.07 -21.00 12.39
N ALA A 19 5.90 -19.96 12.31
CA ALA A 19 6.15 -19.25 11.05
C ALA A 19 7.63 -18.95 10.93
N SER A 20 8.17 -19.13 9.72
CA SER A 20 9.54 -18.73 9.43
C SER A 20 9.57 -17.91 8.14
N ILE A 21 10.37 -16.86 8.14
CA ILE A 21 10.51 -15.95 7.00
C ILE A 21 11.98 -15.81 6.67
N SER A 22 12.29 -15.72 5.40
CA SER A 22 13.66 -15.75 4.94
C SER A 22 14.08 -14.42 4.34
N CYS A 23 15.35 -14.10 4.50
CA CYS A 23 15.95 -12.89 3.93
C CYS A 23 17.33 -13.22 3.43
N ARG A 24 17.62 -12.83 2.19
CA ARG A 24 18.94 -13.04 1.59
C ARG A 24 19.49 -11.70 1.13
N SER A 25 20.74 -11.43 1.47
CA SER A 25 21.43 -10.24 0.99
C SER A 25 22.30 -10.60 -0.19
N SER A 26 22.49 -9.62 -1.07
CA SER A 26 23.31 -9.82 -2.26
C SER A 26 24.80 -9.75 -1.95
N GLN A 27 25.14 -9.36 -0.74
CA GLN A 27 26.51 -9.07 -0.33
C GLN A 27 26.64 -9.42 1.14
N SER A 28 27.81 -9.90 1.54
CA SER A 28 27.99 -10.30 2.93
C SER A 28 27.75 -9.12 3.86
N LEU A 29 27.04 -9.37 4.96
CA LEU A 29 26.70 -8.34 5.92
C LEU A 29 27.63 -8.32 7.12
N VAL A 30 28.73 -9.09 7.09
CA VAL A 30 29.69 -9.05 8.18
C VAL A 30 30.49 -7.75 8.06
N HIS A 31 30.40 -6.91 9.08
CA HIS A 31 31.09 -5.63 9.11
C HIS A 31 32.56 -5.83 9.44
N SER A 32 33.36 -4.80 9.16
CA SER A 32 34.77 -4.87 9.53
C SER A 32 34.95 -4.96 11.04
N ASP A 33 34.00 -4.42 11.81
CA ASP A 33 34.09 -4.53 13.26
C ASP A 33 33.66 -5.89 13.79
N GLY A 34 33.32 -6.83 12.90
CA GLY A 34 32.94 -8.17 13.31
C GLY A 34 31.47 -8.38 13.57
N ASN A 35 30.66 -7.32 13.66
CA ASN A 35 29.23 -7.47 13.81
C ASN A 35 28.58 -7.79 12.47
N THR A 36 27.36 -8.34 12.53
CA THR A 36 26.51 -8.55 11.36
C THR A 36 25.26 -7.69 11.55
N TYR A 37 25.16 -6.60 10.80
CA TYR A 37 24.12 -5.58 11.05
C TYR A 37 22.89 -5.87 10.20
N LEU A 38 22.17 -6.91 10.61
CA LEU A 38 20.97 -7.41 9.94
C LEU A 38 19.83 -7.33 10.95
N HIS A 39 18.76 -6.61 10.59
CA HIS A 39 17.67 -6.39 11.53
C HIS A 39 16.33 -6.76 10.90
N TRP A 40 15.32 -6.88 11.76
CA TRP A 40 13.97 -7.23 11.35
C TRP A 40 12.98 -6.27 11.97
N TYR A 41 12.04 -5.79 11.15
CA TYR A 41 10.97 -4.89 11.55
C TYR A 41 9.60 -5.50 11.29
N LEU A 42 8.62 -5.09 12.09
CA LEU A 42 7.22 -5.43 11.85
C LEU A 42 6.46 -4.14 11.63
N GLN A 43 5.65 -4.09 10.59
CA GLN A 43 4.82 -2.93 10.34
C GLN A 43 3.37 -3.35 10.19
N LYS A 44 2.52 -2.75 11.00
CA LYS A 44 1.09 -2.94 10.94
C LYS A 44 0.46 -1.81 10.16
N PRO A 45 -0.73 -2.04 9.59
CA PRO A 45 -1.35 -0.99 8.76
C PRO A 45 -1.55 0.29 9.55
N GLY A 46 -1.20 1.41 8.92
CA GLY A 46 -1.36 2.71 9.53
C GLY A 46 -0.30 3.11 10.53
N GLN A 47 0.65 2.24 10.84
CA GLN A 47 1.71 2.52 11.79
C GLN A 47 3.06 2.47 11.09
N SER A 48 4.08 3.00 11.78
CA SER A 48 5.45 2.93 11.29
C SER A 48 6.04 1.57 11.60
N PRO A 49 7.14 1.19 10.94
CA PRO A 49 7.84 -0.04 11.32
C PRO A 49 8.32 0.04 12.76
N LYS A 50 8.25 -1.11 13.45
CA LYS A 50 8.79 -1.28 14.78
C LYS A 50 9.91 -2.31 14.74
N LEU A 51 11.01 -2.01 15.43
CA LEU A 51 12.13 -2.93 15.48
C LEU A 51 11.79 -4.16 16.32
N LEU A 52 12.07 -5.35 15.77
CA LEU A 52 11.84 -6.63 16.42
C LEU A 52 13.14 -7.29 16.85
N ILE A 53 14.07 -7.41 15.91
CA ILE A 53 15.35 -8.09 16.13
C ILE A 53 16.44 -7.23 15.52
N TYR A 54 17.55 -7.07 16.23
CA TYR A 54 18.68 -6.37 15.67
C TYR A 54 19.94 -7.22 15.79
N LYS A 55 20.88 -6.96 14.89
CA LYS A 55 22.14 -7.71 14.83
C LYS A 55 21.86 -9.22 14.89
N VAL A 56 21.03 -9.65 13.93
CA VAL A 56 20.74 -11.06 13.62
C VAL A 56 19.82 -11.70 14.65
N SER A 57 20.17 -11.60 15.96
CA SER A 57 19.51 -12.45 16.95
C SER A 57 19.17 -11.76 18.26
N ASN A 58 19.21 -10.43 18.33
CA ASN A 58 18.93 -9.74 19.59
C ASN A 58 17.50 -9.22 19.55
N ARG A 59 16.69 -9.60 20.54
CA ARG A 59 15.32 -9.11 20.62
C ARG A 59 15.29 -7.71 21.19
N PHE A 60 14.55 -6.83 20.52
CA PHE A 60 14.41 -5.45 20.98
C PHE A 60 13.54 -5.39 22.22
N SER A 61 13.71 -4.32 22.98
CA SER A 61 12.98 -4.13 24.23
C SER A 61 11.49 -4.33 24.02
N GLY A 62 10.89 -5.18 24.85
CA GLY A 62 9.46 -5.43 24.79
C GLY A 62 9.02 -6.46 23.79
N VAL A 63 9.93 -7.00 22.98
CA VAL A 63 9.54 -7.96 21.95
C VAL A 63 9.38 -9.33 22.60
N PRO A 64 8.28 -10.04 22.32
CA PRO A 64 8.00 -11.32 23.02
C PRO A 64 8.96 -12.43 22.64
N ASP A 65 9.09 -13.38 23.58
CA ASP A 65 10.00 -14.53 23.46
C ASP A 65 9.78 -15.35 22.20
N ARG A 66 8.57 -15.35 21.65
CA ARG A 66 8.27 -16.18 20.48
C ARG A 66 8.99 -15.73 19.22
N PHE A 67 9.58 -14.54 19.21
CA PHE A 67 10.38 -14.07 18.08
C PHE A 67 11.84 -14.44 18.28
N SER A 68 12.46 -14.99 17.25
CA SER A 68 13.89 -15.21 17.27
C SER A 68 14.45 -15.08 15.86
N GLY A 69 15.71 -14.71 15.77
CA GLY A 69 16.39 -14.55 14.49
C GLY A 69 17.70 -15.30 14.45
N SER A 70 18.09 -15.71 13.24
CA SER A 70 19.36 -16.40 13.03
C SER A 70 19.86 -16.15 11.61
N GLY A 71 21.05 -16.67 11.33
CA GLY A 71 21.62 -16.65 10.00
C GLY A 71 23.07 -16.22 10.04
N SER A 72 23.67 -16.16 8.85
CA SER A 72 25.05 -15.72 8.74
C SER A 72 25.38 -15.39 7.30
N GLY A 73 26.26 -14.41 7.14
CA GLY A 73 26.74 -14.06 5.83
C GLY A 73 25.68 -13.38 5.01
N THR A 74 24.95 -14.14 4.19
CA THR A 74 23.92 -13.58 3.33
C THR A 74 22.53 -14.19 3.54
N ASP A 75 22.36 -15.16 4.43
CA ASP A 75 21.09 -15.88 4.55
C ASP A 75 20.60 -15.82 5.99
N PHE A 76 19.41 -15.25 6.19
CA PHE A 76 18.88 -15.00 7.52
C PHE A 76 17.44 -15.48 7.60
N THR A 77 17.01 -15.77 8.82
CA THR A 77 15.67 -16.29 9.07
C THR A 77 15.08 -15.66 10.32
N LEU A 78 13.82 -15.28 10.23
CA LEU A 78 13.03 -14.85 11.38
C LEU A 78 12.00 -15.93 11.69
N LYS A 79 11.93 -16.33 12.96
CA LYS A 79 11.07 -17.43 13.38
C LYS A 79 10.09 -16.94 14.45
N ILE A 80 8.82 -17.29 14.29
CA ILE A 80 7.79 -17.03 15.29
C ILE A 80 7.31 -18.39 15.80
N SER A 81 7.54 -18.66 17.08
CA SER A 81 7.28 -20.01 17.60
C SER A 81 5.78 -20.33 17.58
N ARG A 82 4.93 -19.36 17.89
CA ARG A 82 3.49 -19.59 17.87
C ARG A 82 2.80 -18.26 17.58
N VAL A 83 2.18 -18.18 16.39
CA VAL A 83 1.71 -16.91 15.86
C VAL A 83 0.47 -16.44 16.60
N GLU A 84 0.49 -15.18 17.03
CA GLU A 84 -0.63 -14.51 17.66
C GLU A 84 -1.23 -13.51 16.68
N ALA A 85 -2.49 -13.14 16.93
CA ALA A 85 -3.17 -12.24 16.00
C ALA A 85 -2.42 -10.92 15.87
N GLU A 86 -1.81 -10.45 16.96
CA GLU A 86 -1.07 -9.20 16.91
C GLU A 86 0.21 -9.29 16.09
N ASP A 87 0.65 -10.50 15.71
CA ASP A 87 1.83 -10.66 14.87
C ASP A 87 1.53 -10.46 13.39
N LEU A 88 0.26 -10.33 13.01
CA LEU A 88 -0.08 -10.18 11.60
C LEU A 88 0.31 -8.78 11.11
N GLY A 89 0.93 -8.74 9.94
CA GLY A 89 1.48 -7.51 9.42
C GLY A 89 2.56 -7.83 8.40
N VAL A 90 3.33 -6.81 8.04
CA VAL A 90 4.39 -6.95 7.05
C VAL A 90 5.74 -6.91 7.75
N TYR A 91 6.56 -7.94 7.52
CA TYR A 91 7.88 -8.03 8.11
C TYR A 91 8.92 -7.58 7.11
N PHE A 92 9.84 -6.72 7.53
CA PHE A 92 10.93 -6.25 6.69
C PHE A 92 12.26 -6.64 7.32
N CYS A 93 13.16 -7.20 6.51
CA CYS A 93 14.56 -7.25 6.92
C CYS A 93 15.28 -5.99 6.44
N SER A 94 16.38 -5.68 7.09
N SER A 94 16.36 -5.65 7.12
CA SER A 94 17.14 -4.48 6.77
CA SER A 94 17.15 -4.51 6.72
C SER A 94 18.60 -4.71 7.15
C SER A 94 18.61 -4.75 7.10
N GLN A 95 19.51 -4.10 6.39
CA GLN A 95 20.94 -4.18 6.66
C GLN A 95 21.50 -2.78 6.86
N SER A 96 22.38 -2.64 7.84
CA SER A 96 23.11 -1.39 8.04
C SER A 96 24.62 -1.63 8.06
N THR A 97 25.08 -2.71 7.42
CA THR A 97 26.52 -2.91 7.31
C THR A 97 27.13 -1.96 6.28
N HIS A 98 26.40 -1.67 5.21
CA HIS A 98 26.90 -0.82 4.14
C HIS A 98 25.99 0.39 3.96
N VAL A 99 26.61 1.54 3.69
CA VAL A 99 25.86 2.71 3.20
C VAL A 99 25.49 2.46 1.74
N PRO A 100 24.23 2.70 1.33
CA PRO A 100 23.14 3.09 2.21
C PRO A 100 22.47 1.90 2.89
N PRO A 101 21.89 2.10 4.07
CA PRO A 101 21.04 1.05 4.65
C PRO A 101 19.87 0.76 3.73
N THR A 102 19.55 -0.53 3.59
CA THR A 102 18.51 -0.95 2.67
C THR A 102 17.57 -1.93 3.35
N PHE A 103 16.38 -2.06 2.76
CA PHE A 103 15.29 -2.87 3.30
C PHE A 103 14.85 -3.86 2.25
N GLY A 104 14.41 -5.04 2.71
CA GLY A 104 13.76 -5.98 1.83
C GLY A 104 12.40 -5.48 1.40
N GLY A 105 11.78 -6.20 0.46
CA GLY A 105 10.48 -5.79 -0.03
C GLY A 105 9.31 -6.14 0.87
N GLY A 106 9.53 -6.89 1.94
CA GLY A 106 8.44 -7.24 2.83
C GLY A 106 7.87 -8.62 2.62
N THR A 107 7.49 -9.27 3.72
CA THR A 107 6.76 -10.53 3.72
C THR A 107 5.50 -10.29 4.54
N LYS A 108 4.34 -10.48 3.91
CA LYS A 108 3.09 -10.23 4.61
C LYS A 108 2.62 -11.51 5.29
N LEU A 109 2.43 -11.44 6.60
CA LEU A 109 1.96 -12.57 7.40
C LEU A 109 0.45 -12.51 7.45
N GLU A 110 -0.21 -13.44 6.76
CA GLU A 110 -1.65 -13.41 6.54
C GLU A 110 -2.27 -14.69 7.08
N ILE A 111 -3.58 -14.80 6.97
CA ILE A 111 -4.30 -15.92 7.56
C ILE A 111 -4.56 -16.98 6.51
N LYS A 112 -4.38 -18.24 6.90
CA LYS A 112 -4.72 -19.36 6.03
C LYS A 112 -6.21 -19.67 6.20
N ARG A 113 -6.84 -19.98 5.07
CA ARG A 113 -8.18 -20.53 5.04
C ARG A 113 -8.27 -21.43 3.82
N ALA A 114 -9.41 -22.08 3.66
CA ALA A 114 -9.63 -22.92 2.47
C ALA A 114 -9.52 -22.08 1.21
N ASP A 115 -9.08 -22.71 0.12
CA ASP A 115 -9.10 -22.02 -1.17
C ASP A 115 -10.53 -21.70 -1.57
N ALA A 116 -10.69 -20.63 -2.37
CA ALA A 116 -11.99 -20.22 -2.87
C ALA A 116 -11.81 -19.48 -4.18
N ALA A 117 -12.53 -19.92 -5.21
CA ALA A 117 -12.49 -19.23 -6.49
C ALA A 117 -13.26 -17.91 -6.42
N PRO A 118 -12.84 -16.89 -7.18
CA PRO A 118 -13.57 -15.63 -7.19
C PRO A 118 -14.95 -15.75 -7.81
N THR A 119 -15.87 -14.91 -7.32
CA THR A 119 -17.11 -14.65 -8.00
C THR A 119 -16.88 -13.45 -8.92
N VAL A 120 -17.09 -13.64 -10.21
CA VAL A 120 -16.67 -12.66 -11.22
C VAL A 120 -17.91 -12.02 -11.83
N SER A 121 -17.93 -10.68 -11.86
CA SER A 121 -19.01 -9.94 -12.49
C SER A 121 -18.43 -8.87 -13.40
N ILE A 122 -19.02 -8.70 -14.59
CA ILE A 122 -18.59 -7.70 -15.56
C ILE A 122 -19.68 -6.68 -15.80
N PHE A 123 -19.25 -5.43 -16.02
CA PHE A 123 -20.17 -4.30 -16.17
C PHE A 123 -19.74 -3.41 -17.31
N PRO A 124 -20.70 -2.95 -18.13
CA PRO A 124 -20.37 -2.10 -19.26
C PRO A 124 -20.26 -0.64 -18.85
N PRO A 125 -19.70 0.19 -19.72
CA PRO A 125 -19.72 1.64 -19.49
C PRO A 125 -21.14 2.15 -19.34
N SER A 126 -21.31 3.09 -18.42
CA SER A 126 -22.58 3.76 -18.20
C SER A 126 -22.83 4.79 -19.28
N SER A 127 -24.12 5.03 -19.55
CA SER A 127 -24.50 6.11 -20.46
C SER A 127 -23.95 7.44 -19.96
N GLU A 128 -23.95 7.62 -18.63
CA GLU A 128 -23.40 8.86 -18.05
C GLU A 128 -21.96 9.06 -18.47
N GLN A 129 -21.14 8.01 -18.37
CA GLN A 129 -19.73 8.17 -18.73
C GLN A 129 -19.57 8.35 -20.23
N LEU A 130 -20.35 7.63 -21.02
CA LEU A 130 -20.22 7.76 -22.47
C LEU A 130 -20.54 9.19 -22.91
N THR A 131 -21.49 9.84 -22.22
CA THR A 131 -21.79 11.24 -22.51
C THR A 131 -20.58 12.13 -22.27
N SER A 132 -19.72 11.76 -21.32
CA SER A 132 -18.49 12.49 -21.03
C SER A 132 -17.33 12.12 -21.96
N GLY A 133 -17.49 11.12 -22.83
CA GLY A 133 -16.45 10.76 -23.75
C GLY A 133 -15.59 9.57 -23.36
N GLY A 134 -15.88 8.92 -22.24
CA GLY A 134 -15.08 7.82 -21.76
C GLY A 134 -15.89 6.54 -21.69
N ALA A 135 -15.20 5.43 -21.50
CA ALA A 135 -15.88 4.14 -21.46
C ALA A 135 -15.03 3.19 -20.60
N SER A 136 -15.40 3.07 -19.34
CA SER A 136 -14.72 2.15 -18.44
C SER A 136 -15.51 0.86 -18.35
N VAL A 137 -14.83 -0.25 -18.55
CA VAL A 137 -15.40 -1.58 -18.39
C VAL A 137 -14.83 -2.13 -17.09
N VAL A 138 -15.69 -2.69 -16.23
CA VAL A 138 -15.28 -3.04 -14.88
C VAL A 138 -15.59 -4.51 -14.64
N CYS A 139 -14.62 -5.20 -14.02
CA CYS A 139 -14.78 -6.60 -13.64
C CYS A 139 -14.47 -6.68 -12.14
N PHE A 140 -15.40 -7.20 -11.35
CA PHE A 140 -15.15 -7.47 -9.93
C PHE A 140 -14.82 -8.95 -9.75
N LEU A 141 -13.78 -9.23 -8.98
CA LEU A 141 -13.37 -10.59 -8.65
C LEU A 141 -13.45 -10.70 -7.14
N ASN A 142 -14.54 -11.27 -6.62
CA ASN A 142 -14.86 -11.09 -5.22
C ASN A 142 -14.72 -12.38 -4.42
N ASN A 143 -14.22 -12.24 -3.20
CA ASN A 143 -14.27 -13.28 -2.17
C ASN A 143 -13.49 -14.52 -2.58
N PHE A 144 -12.22 -14.32 -2.93
CA PHE A 144 -11.36 -15.43 -3.31
C PHE A 144 -10.19 -15.60 -2.33
N TYR A 145 -9.58 -16.79 -2.40
CA TYR A 145 -8.40 -17.06 -1.59
C TYR A 145 -7.59 -18.15 -2.26
N PRO A 146 -6.26 -18.03 -2.33
CA PRO A 146 -5.43 -16.95 -1.79
C PRO A 146 -5.38 -15.72 -2.69
N LYS A 147 -4.61 -14.71 -2.26
CA LYS A 147 -4.70 -13.39 -2.87
C LYS A 147 -4.21 -13.36 -4.31
N ASP A 148 -3.25 -14.22 -4.66
CA ASP A 148 -2.63 -14.17 -5.97
C ASP A 148 -3.66 -14.53 -7.05
N ILE A 149 -3.78 -13.66 -8.05
CA ILE A 149 -4.79 -13.83 -9.08
C ILE A 149 -4.35 -12.97 -10.25
N ASN A 150 -4.81 -13.31 -11.45
CA ASN A 150 -4.49 -12.52 -12.62
C ASN A 150 -5.73 -12.35 -13.47
N VAL A 151 -5.84 -11.18 -14.10
CA VAL A 151 -6.97 -10.84 -14.95
C VAL A 151 -6.46 -10.54 -16.34
N LYS A 152 -7.14 -11.07 -17.34
CA LYS A 152 -6.84 -10.77 -18.73
C LYS A 152 -8.08 -10.16 -19.37
N TRP A 153 -7.92 -9.03 -20.06
CA TRP A 153 -9.00 -8.40 -20.80
C TRP A 153 -8.89 -8.76 -22.26
N LYS A 154 -10.01 -9.07 -22.88
CA LYS A 154 -10.07 -9.33 -24.31
C LYS A 154 -11.14 -8.45 -24.95
N ILE A 155 -10.80 -7.90 -26.10
CA ILE A 155 -11.74 -7.10 -26.89
C ILE A 155 -11.85 -7.80 -28.23
N ASP A 156 -13.07 -8.20 -28.60
CA ASP A 156 -13.29 -8.96 -29.82
C ASP A 156 -12.34 -10.16 -29.85
N GLY A 157 -12.13 -10.76 -28.69
CA GLY A 157 -11.35 -11.99 -28.60
C GLY A 157 -9.84 -11.79 -28.55
N SER A 158 -9.36 -10.56 -28.69
CA SER A 158 -7.93 -10.27 -28.68
C SER A 158 -7.54 -9.57 -27.39
N GLU A 159 -6.37 -9.93 -26.86
CA GLU A 159 -5.97 -9.40 -25.56
C GLU A 159 -5.68 -7.90 -25.64
N ARG A 160 -5.95 -7.19 -24.53
CA ARG A 160 -5.76 -5.76 -24.40
C ARG A 160 -5.04 -5.45 -23.10
N GLN A 161 -4.06 -4.55 -23.17
CA GLN A 161 -3.20 -4.20 -22.03
C GLN A 161 -3.32 -2.75 -21.61
N ASN A 162 -3.49 -1.84 -22.57
CA ASN A 162 -3.51 -0.43 -22.26
C ASN A 162 -4.80 -0.05 -21.55
N GLY A 163 -4.67 0.67 -20.44
CA GLY A 163 -5.80 1.25 -19.75
C GLY A 163 -6.39 0.44 -18.62
N VAL A 164 -5.63 -0.48 -18.03
CA VAL A 164 -6.14 -1.38 -17.00
C VAL A 164 -5.66 -0.93 -15.63
N LEU A 165 -6.59 -0.80 -14.69
CA LEU A 165 -6.30 -0.44 -13.31
C LEU A 165 -6.82 -1.55 -12.42
N ASN A 166 -5.93 -2.19 -11.67
CA ASN A 166 -6.29 -3.29 -10.78
C ASN A 166 -6.12 -2.84 -9.33
N SER A 167 -7.11 -3.11 -8.48
CA SER A 167 -7.00 -2.70 -7.09
C SER A 167 -7.51 -3.81 -6.18
N TRP A 168 -6.69 -4.19 -5.19
CA TRP A 168 -7.03 -5.25 -4.23
C TRP A 168 -7.51 -4.69 -2.91
N THR A 169 -8.50 -5.37 -2.31
CA THR A 169 -8.76 -5.16 -0.91
C THR A 169 -7.69 -5.82 -0.06
N ASP A 170 -7.64 -5.44 1.21
CA ASP A 170 -6.88 -6.25 2.14
C ASP A 170 -7.69 -7.49 2.52
N GLN A 171 -7.05 -8.41 3.23
CA GLN A 171 -7.73 -9.62 3.66
C GLN A 171 -8.93 -9.28 4.53
N ASP A 172 -10.08 -9.83 4.16
CA ASP A 172 -11.33 -9.53 4.85
C ASP A 172 -11.31 -10.08 6.26
N SER A 173 -11.82 -9.28 7.21
CA SER A 173 -11.84 -9.72 8.59
C SER A 173 -12.93 -10.75 8.86
N LYS A 174 -14.00 -10.75 8.07
CA LYS A 174 -15.14 -11.63 8.31
C LYS A 174 -14.89 -13.04 7.78
N ASP A 175 -14.39 -13.17 6.54
CA ASP A 175 -14.20 -14.49 5.94
C ASP A 175 -12.79 -14.74 5.43
N SER A 176 -11.85 -13.83 5.69
CA SER A 176 -10.43 -14.00 5.32
C SER A 176 -10.20 -14.13 3.82
N THR A 177 -11.14 -13.70 3.00
CA THR A 177 -10.92 -13.72 1.56
C THR A 177 -10.36 -12.38 1.11
N TYR A 178 -10.02 -12.29 -0.18
CA TYR A 178 -9.64 -11.07 -0.85
C TYR A 178 -10.62 -10.78 -1.97
N SER A 179 -10.68 -9.53 -2.38
CA SER A 179 -11.42 -9.16 -3.58
C SER A 179 -10.58 -8.19 -4.40
N MET A 180 -10.91 -8.07 -5.67
CA MET A 180 -10.17 -7.14 -6.51
C MET A 180 -11.08 -6.61 -7.60
N SER A 181 -10.80 -5.38 -8.01
N SER A 181 -10.84 -5.36 -7.98
CA SER A 181 -11.54 -4.70 -9.06
CA SER A 181 -11.55 -4.74 -9.09
C SER A 181 -10.57 -4.44 -10.21
C SER A 181 -10.56 -4.51 -10.21
N SER A 182 -10.98 -4.79 -11.43
CA SER A 182 -10.15 -4.55 -12.59
C SER A 182 -10.95 -3.66 -13.53
N THR A 183 -10.39 -2.51 -13.88
CA THR A 183 -11.08 -1.54 -14.73
C THR A 183 -10.27 -1.28 -16.00
N LEU A 184 -10.90 -1.48 -17.15
CA LEU A 184 -10.32 -1.17 -18.45
C LEU A 184 -10.97 0.12 -18.93
N THR A 185 -10.18 1.19 -19.04
CA THR A 185 -10.71 2.48 -19.49
C THR A 185 -10.34 2.74 -20.95
N LEU A 186 -11.36 2.92 -21.77
CA LEU A 186 -11.24 3.26 -23.18
C LEU A 186 -11.84 4.63 -23.41
N THR A 187 -11.59 5.20 -24.59
CA THR A 187 -12.37 6.34 -25.03
C THR A 187 -13.71 5.84 -25.57
N LYS A 188 -14.69 6.76 -25.65
CA LYS A 188 -15.95 6.42 -26.28
C LYS A 188 -15.73 5.88 -27.69
N ASP A 189 -14.86 6.53 -28.46
CA ASP A 189 -14.58 6.11 -29.82
C ASP A 189 -14.05 4.68 -29.88
N GLU A 190 -13.09 4.35 -29.01
CA GLU A 190 -12.54 3.00 -29.04
C GLU A 190 -13.60 1.96 -28.68
N TYR A 191 -14.41 2.26 -27.67
CA TYR A 191 -15.47 1.35 -27.23
C TYR A 191 -16.45 1.08 -28.36
N GLU A 192 -16.75 2.10 -29.15
CA GLU A 192 -17.75 2.00 -30.21
C GLU A 192 -17.22 1.32 -31.46
N ARG A 193 -15.91 1.01 -31.50
CA ARG A 193 -15.26 0.26 -32.57
C ARG A 193 -15.35 -1.25 -32.43
N HIS A 194 -15.65 -1.73 -31.23
CA HIS A 194 -15.62 -3.15 -30.94
C HIS A 194 -16.90 -3.54 -30.22
N ASN A 195 -17.20 -4.82 -30.20
CA ASN A 195 -18.46 -5.24 -29.61
C ASN A 195 -18.34 -6.24 -28.48
N SER A 196 -17.31 -7.09 -28.46
CA SER A 196 -17.22 -8.16 -27.48
C SER A 196 -16.20 -7.78 -26.40
N TYR A 197 -16.64 -7.72 -25.14
CA TYR A 197 -15.79 -7.34 -24.02
C TYR A 197 -15.76 -8.47 -23.01
N THR A 198 -14.56 -8.92 -22.66
CA THR A 198 -14.37 -10.10 -21.83
C THR A 198 -13.30 -9.85 -20.78
N CYS A 199 -13.58 -10.22 -19.52
CA CYS A 199 -12.51 -10.34 -18.52
C CYS A 199 -12.34 -11.80 -18.16
N GLU A 200 -11.09 -12.25 -18.10
CA GLU A 200 -10.74 -13.62 -17.77
C GLU A 200 -9.93 -13.63 -16.49
N ALA A 201 -10.40 -14.37 -15.50
CA ALA A 201 -9.74 -14.49 -14.20
C ALA A 201 -9.09 -15.86 -14.09
N THR A 202 -7.78 -15.88 -13.83
CA THR A 202 -7.06 -17.12 -13.61
C THR A 202 -6.62 -17.17 -12.16
N HIS A 203 -6.97 -18.25 -11.48
CA HIS A 203 -6.76 -18.41 -10.05
C HIS A 203 -6.38 -19.86 -9.81
N LYS A 204 -5.63 -20.12 -8.73
CA LYS A 204 -5.12 -21.46 -8.49
C LYS A 204 -6.24 -22.48 -8.31
N THR A 205 -7.45 -22.02 -8.02
CA THR A 205 -8.57 -22.93 -7.82
C THR A 205 -9.01 -23.64 -9.09
N SER A 206 -8.60 -23.18 -10.27
CA SER A 206 -8.85 -23.95 -11.49
C SER A 206 -7.81 -23.63 -12.54
N THR A 207 -7.45 -24.64 -13.34
CA THR A 207 -6.61 -24.39 -14.50
C THR A 207 -7.37 -23.68 -15.62
N SER A 208 -8.70 -23.66 -15.56
CA SER A 208 -9.50 -22.95 -16.56
C SER A 208 -9.76 -21.53 -16.08
N PRO A 209 -9.57 -20.51 -16.93
CA PRO A 209 -9.95 -19.17 -16.51
C PRO A 209 -11.46 -19.05 -16.36
N ILE A 210 -11.87 -18.17 -15.44
CA ILE A 210 -13.27 -17.76 -15.32
C ILE A 210 -13.51 -16.64 -16.32
N VAL A 211 -14.45 -16.83 -17.24
CA VAL A 211 -14.67 -15.92 -18.36
C VAL A 211 -16.04 -15.25 -18.18
N LYS A 212 -16.06 -13.91 -18.15
CA LYS A 212 -17.31 -13.17 -18.15
C LYS A 212 -17.27 -12.17 -19.29
N SER A 213 -18.37 -12.07 -20.02
CA SER A 213 -18.40 -11.24 -21.22
C SER A 213 -19.74 -10.52 -21.35
N PHE A 214 -19.71 -9.45 -22.14
CA PHE A 214 -20.94 -8.84 -22.64
C PHE A 214 -20.70 -8.32 -24.05
N ASN A 215 -21.79 -8.13 -24.78
CA ASN A 215 -21.76 -7.52 -26.12
C ASN A 215 -22.30 -6.10 -26.03
N ARG A 216 -21.47 -5.13 -26.43
CA ARG A 216 -21.83 -3.71 -26.35
C ARG A 216 -23.19 -3.43 -26.97
N ASN A 217 -23.47 -4.03 -28.13
CA ASN A 217 -24.69 -3.68 -28.86
C ASN A 217 -25.95 -4.12 -28.13
N GLU A 218 -25.83 -5.04 -27.18
CA GLU A 218 -26.98 -5.47 -26.40
C GLU A 218 -27.21 -4.66 -25.13
N CYS A 219 -26.27 -3.79 -24.75
CA CYS A 219 -26.37 -3.10 -23.49
C CYS A 219 -27.46 -2.01 -23.52
N GLU B 1 9.19 7.36 27.67
CA GLU B 1 9.63 6.53 26.55
C GLU B 1 10.23 7.40 25.46
N VAL B 2 11.01 6.81 24.54
CA VAL B 2 11.46 7.55 23.38
C VAL B 2 10.26 7.88 22.50
N LYS B 3 10.18 9.14 22.05
CA LYS B 3 9.10 9.57 21.19
C LYS B 3 9.63 10.52 20.13
N LEU B 4 9.17 10.30 18.90
CA LEU B 4 9.49 11.15 17.76
C LEU B 4 8.18 11.52 17.09
N VAL B 5 8.02 12.80 16.78
CA VAL B 5 6.77 13.31 16.20
C VAL B 5 7.13 14.20 15.02
N GLU B 6 6.79 13.75 13.82
CA GLU B 6 7.04 14.48 12.59
C GLU B 6 5.91 15.46 12.29
N SER B 7 6.28 16.55 11.63
CA SER B 7 5.31 17.55 11.19
C SER B 7 5.82 18.20 9.92
N GLY B 8 4.94 18.95 9.25
CA GLY B 8 5.36 19.70 8.09
C GLY B 8 4.95 19.15 6.75
N GLY B 9 4.29 18.00 6.71
CA GLY B 9 3.87 17.44 5.45
C GLY B 9 2.72 18.22 4.88
N GLY B 10 2.21 17.74 3.77
CA GLY B 10 1.09 18.37 3.12
C GLY B 10 1.18 18.16 1.63
N LEU B 11 0.38 18.94 0.92
CA LEU B 11 0.30 18.86 -0.53
C LEU B 11 1.15 19.97 -1.16
N VAL B 12 2.06 19.58 -2.04
CA VAL B 12 3.03 20.48 -2.67
C VAL B 12 2.95 20.31 -4.18
N GLN B 13 3.14 21.43 -4.89
CA GLN B 13 3.22 21.39 -6.35
C GLN B 13 4.55 20.79 -6.79
N PRO B 14 4.58 20.08 -7.92
CA PRO B 14 5.86 19.62 -8.47
C PRO B 14 6.81 20.80 -8.64
N GLY B 15 8.06 20.58 -8.29
CA GLY B 15 9.04 21.65 -8.27
C GLY B 15 8.97 22.50 -7.02
N GLY B 16 8.01 22.24 -6.13
CA GLY B 16 7.87 22.99 -4.90
C GLY B 16 8.83 22.55 -3.81
N SER B 17 8.65 23.15 -2.64
CA SER B 17 9.53 22.97 -1.50
C SER B 17 8.70 22.66 -0.27
N ARG B 18 9.34 21.99 0.70
CA ARG B 18 8.67 21.67 1.94
C ARG B 18 9.77 21.43 2.96
N LYS B 19 9.55 21.88 4.20
CA LYS B 19 10.48 21.63 5.30
C LYS B 19 9.77 20.83 6.38
N LEU B 20 10.18 19.58 6.56
CA LEU B 20 9.66 18.74 7.63
C LEU B 20 10.47 18.95 8.90
N SER B 21 9.80 18.76 10.04
CA SER B 21 10.47 18.80 11.32
C SER B 21 10.14 17.54 12.11
N CYS B 22 11.01 17.22 13.07
CA CYS B 22 10.80 16.06 13.92
C CYS B 22 11.18 16.44 15.35
N ALA B 23 10.20 16.38 16.24
CA ALA B 23 10.38 16.73 17.65
C ALA B 23 10.70 15.47 18.44
N ALA B 24 11.85 15.47 19.11
CA ALA B 24 12.33 14.32 19.85
C ALA B 24 12.16 14.55 21.34
N SER B 25 11.82 13.48 22.06
CA SER B 25 11.65 13.53 23.51
C SER B 25 11.91 12.15 24.08
N GLY B 26 12.22 12.12 25.38
CA GLY B 26 12.45 10.87 26.07
C GLY B 26 13.86 10.32 25.99
N PHE B 27 14.80 11.08 25.44
CA PHE B 27 16.21 10.70 25.40
C PHE B 27 17.02 11.97 25.22
N THR B 28 18.34 11.82 25.32
CA THR B 28 19.23 12.96 25.15
C THR B 28 19.53 13.08 23.65
N PHE B 29 18.80 13.98 22.99
CA PHE B 29 18.86 14.12 21.54
C PHE B 29 20.27 14.32 21.03
N SER B 30 21.06 15.16 21.72
CA SER B 30 22.41 15.46 21.27
C SER B 30 23.33 14.26 21.27
N ASP B 31 22.93 13.14 21.87
CA ASP B 31 23.77 11.96 21.89
C ASP B 31 23.52 11.02 20.72
N TYR B 32 22.54 11.29 19.84
CA TYR B 32 22.10 10.28 18.87
C TYR B 32 22.11 10.80 17.46
N GLY B 33 22.66 10.01 16.54
CA GLY B 33 22.43 10.24 15.12
C GLY B 33 20.96 10.05 14.80
N MET B 34 20.52 10.74 13.74
CA MET B 34 19.11 10.77 13.36
C MET B 34 18.98 10.56 11.86
N ALA B 35 17.81 10.06 11.43
CA ALA B 35 17.62 9.81 10.01
C ALA B 35 16.20 10.10 9.59
N TRP B 36 16.03 10.28 8.27
CA TRP B 36 14.73 10.30 7.63
C TRP B 36 14.63 9.09 6.72
N VAL B 37 13.47 8.41 6.78
CA VAL B 37 13.13 7.25 5.98
C VAL B 37 11.74 7.50 5.43
N ARG B 38 11.53 7.16 4.16
CA ARG B 38 10.26 7.40 3.50
C ARG B 38 9.63 6.09 3.08
N GLN B 39 8.32 6.11 2.86
CA GLN B 39 7.65 4.90 2.40
C GLN B 39 6.50 5.28 1.47
N ALA B 40 6.61 4.84 0.22
CA ALA B 40 5.51 4.94 -0.73
C ALA B 40 4.54 3.76 -0.53
N PRO B 41 3.28 3.94 -0.92
CA PRO B 41 2.29 2.88 -0.69
C PRO B 41 2.64 1.60 -1.43
N GLY B 42 2.46 0.47 -0.73
CA GLY B 42 2.80 -0.84 -1.25
C GLY B 42 4.27 -1.17 -1.24
N LYS B 43 5.13 -0.22 -0.90
CA LYS B 43 6.56 -0.37 -1.01
C LYS B 43 7.22 -0.46 0.35
N GLY B 44 8.45 -0.96 0.37
CA GLY B 44 9.23 -1.02 1.58
C GLY B 44 9.70 0.36 1.99
N PRO B 45 10.23 0.48 3.20
CA PRO B 45 10.87 1.73 3.59
C PRO B 45 12.10 1.99 2.75
N GLU B 46 12.38 3.27 2.54
CA GLU B 46 13.54 3.73 1.77
C GLU B 46 14.26 4.77 2.61
N TRP B 47 15.49 4.49 3.02
CA TRP B 47 16.26 5.49 3.75
C TRP B 47 16.51 6.71 2.86
N VAL B 48 16.42 7.90 3.46
CA VAL B 48 16.50 9.18 2.77
C VAL B 48 17.77 9.94 3.15
N ALA B 49 18.01 10.12 4.45
CA ALA B 49 19.04 11.05 4.88
C ALA B 49 19.50 10.66 6.28
N PHE B 50 20.75 11.00 6.59
CA PHE B 50 21.31 10.76 7.91
C PHE B 50 22.10 11.98 8.37
N ILE B 51 22.03 12.28 9.66
CA ILE B 51 22.87 13.32 10.27
C ILE B 51 23.37 12.82 11.62
N SER B 52 24.67 12.95 11.85
CA SER B 52 25.27 12.45 13.08
C SER B 52 24.97 13.39 14.25
N ASN B 53 25.29 12.94 15.47
CA ASN B 53 24.79 13.62 16.67
C ASN B 53 25.34 15.03 16.82
N LEU B 54 26.59 15.28 16.40
CA LEU B 54 27.12 16.64 16.34
C LEU B 54 27.15 17.18 14.91
N ALA B 55 26.43 16.53 13.99
CA ALA B 55 26.30 16.92 12.59
C ALA B 55 27.66 16.99 11.88
N TYR B 56 28.63 16.18 12.32
CA TYR B 56 29.90 16.10 11.60
C TYR B 56 29.75 15.37 10.26
N SER B 57 28.78 14.48 10.14
CA SER B 57 28.58 13.64 8.97
C SER B 57 27.13 13.76 8.50
N ILE B 58 26.96 13.93 7.20
CA ILE B 58 25.65 13.94 6.56
C ILE B 58 25.72 13.04 5.33
N TYR B 59 24.71 12.19 5.15
CA TYR B 59 24.59 11.31 3.99
C TYR B 59 23.18 11.36 3.44
N TYR B 60 23.07 11.18 2.12
CA TYR B 60 21.79 11.19 1.40
C TYR B 60 21.71 9.98 0.48
N ALA B 61 20.48 9.50 0.30
CA ALA B 61 20.22 8.53 -0.76
C ALA B 61 20.41 9.19 -2.12
N ASP B 62 20.88 8.41 -3.10
CA ASP B 62 21.15 8.96 -4.43
C ASP B 62 19.91 9.58 -5.06
N THR B 63 18.74 9.09 -4.70
CA THR B 63 17.48 9.56 -5.27
C THR B 63 17.08 10.97 -4.80
N VAL B 64 17.69 11.48 -3.74
CA VAL B 64 17.34 12.81 -3.23
C VAL B 64 18.53 13.74 -3.14
N THR B 65 19.73 13.29 -3.46
CA THR B 65 20.90 14.15 -3.30
C THR B 65 20.82 15.33 -4.26
N GLY B 66 21.14 16.52 -3.75
CA GLY B 66 21.01 17.74 -4.50
C GLY B 66 19.66 18.41 -4.38
N ARG B 67 18.69 17.75 -3.77
CA ARG B 67 17.37 18.33 -3.60
C ARG B 67 16.93 18.42 -2.16
N PHE B 68 17.37 17.48 -1.32
CA PHE B 68 16.98 17.42 0.09
C PHE B 68 18.16 17.81 0.98
N THR B 69 17.86 18.47 2.10
CA THR B 69 18.89 18.86 3.07
C THR B 69 18.42 18.49 4.47
N ILE B 70 19.23 17.72 5.19
CA ILE B 70 18.92 17.36 6.57
C ILE B 70 19.73 18.26 7.50
N SER B 71 19.11 18.66 8.61
CA SER B 71 19.78 19.49 9.60
C SER B 71 19.21 19.14 10.97
N ARG B 72 19.83 19.69 12.01
CA ARG B 72 19.35 19.47 13.37
C ARG B 72 19.72 20.66 14.25
N GLU B 73 18.92 20.87 15.30
CA GLU B 73 19.25 21.83 16.35
C GLU B 73 19.15 21.10 17.68
N ASN B 74 20.29 20.70 18.22
CA ASN B 74 20.28 19.89 19.42
C ASN B 74 19.61 20.61 20.59
N ALA B 75 19.81 21.92 20.72
CA ALA B 75 19.23 22.62 21.85
C ALA B 75 17.71 22.64 21.81
N LYS B 76 17.11 22.43 20.63
CA LYS B 76 15.67 22.42 20.47
C LYS B 76 15.10 21.03 20.27
N ASN B 77 15.93 19.99 20.40
CA ASN B 77 15.49 18.61 20.25
C ASN B 77 14.73 18.39 18.94
N THR B 78 15.22 19.02 17.86
CA THR B 78 14.49 18.97 16.60
C THR B 78 15.42 18.61 15.45
N LEU B 79 14.92 17.74 14.58
CA LEU B 79 15.53 17.32 13.33
C LEU B 79 14.71 17.88 12.17
N TYR B 80 15.36 18.24 11.06
CA TYR B 80 14.67 18.84 9.92
C TYR B 80 15.01 18.12 8.63
N LEU B 81 14.09 18.20 7.66
CA LEU B 81 14.34 17.75 6.29
C LEU B 81 13.81 18.82 5.34
N GLU B 82 14.72 19.56 4.71
CA GLU B 82 14.35 20.56 3.71
C GLU B 82 14.32 19.89 2.35
N MET B 83 13.15 19.90 1.71
CA MET B 83 12.93 19.24 0.43
C MET B 83 12.68 20.29 -0.63
N SER B 84 13.45 20.23 -1.72
CA SER B 84 13.32 21.19 -2.80
C SER B 84 13.14 20.43 -4.11
N SER B 85 12.71 21.16 -5.15
CA SER B 85 12.53 20.58 -6.49
C SER B 85 11.74 19.28 -6.41
N LEU B 86 10.61 19.33 -5.71
CA LEU B 86 9.89 18.10 -5.42
C LEU B 86 9.29 17.49 -6.68
N ARG B 87 9.24 16.16 -6.70
CA ARG B 87 8.81 15.40 -7.84
C ARG B 87 7.73 14.44 -7.41
N SER B 88 6.93 13.99 -8.37
CA SER B 88 5.83 13.08 -8.09
C SER B 88 6.28 11.89 -7.27
N GLU B 89 7.45 11.33 -7.59
CA GLU B 89 7.95 10.13 -6.93
C GLU B 89 8.42 10.39 -5.50
N ASP B 90 8.43 11.64 -5.04
CA ASP B 90 8.71 11.98 -3.66
C ASP B 90 7.48 11.84 -2.77
N THR B 91 6.32 11.62 -3.36
CA THR B 91 5.12 11.35 -2.59
C THR B 91 5.34 10.12 -1.72
N ALA B 92 5.18 10.29 -0.40
CA ALA B 92 5.47 9.21 0.53
C ALA B 92 5.09 9.64 1.94
N MET B 93 4.99 8.65 2.83
CA MET B 93 5.03 8.92 4.26
C MET B 93 6.49 9.09 4.68
N TYR B 94 6.78 10.17 5.41
CA TYR B 94 8.14 10.48 5.82
C TYR B 94 8.27 10.23 7.31
N TYR B 95 9.18 9.35 7.69
CA TYR B 95 9.40 8.99 9.08
C TYR B 95 10.72 9.57 9.56
N CYS B 96 10.69 10.06 10.79
CA CYS B 96 11.90 10.36 11.54
C CYS B 96 12.28 9.11 12.32
N ALA B 97 13.57 8.76 12.33
CA ALA B 97 14.04 7.61 13.10
C ALA B 97 15.34 7.92 13.83
N ARG B 98 15.48 7.36 15.03
CA ARG B 98 16.72 7.49 15.80
C ARG B 98 17.68 6.36 15.45
N TYR B 99 18.96 6.67 15.37
CA TYR B 99 20.01 5.67 15.23
C TYR B 99 20.58 5.37 16.60
N ASP B 100 20.64 4.09 16.97
CA ASP B 100 21.31 3.69 18.19
C ASP B 100 22.79 3.45 17.92
N TYR B 101 23.57 3.49 19.01
CA TYR B 101 25.00 3.28 18.95
C TYR B 101 25.45 2.60 20.24
N ASP B 102 26.54 1.85 20.16
CA ASP B 102 27.20 1.35 21.35
C ASP B 102 28.61 1.90 21.52
N ASN B 103 29.34 2.07 20.42
CA ASN B 103 30.71 2.58 20.49
C ASN B 103 30.90 3.70 19.47
N ILE B 104 31.37 3.38 18.26
CA ILE B 104 31.72 4.43 17.29
C ILE B 104 30.85 4.40 16.05
N LEU B 105 29.80 3.57 16.03
CA LEU B 105 29.01 3.33 14.83
C LEU B 105 27.53 3.45 15.14
N ASP B 106 26.81 4.27 14.35
CA ASP B 106 25.35 4.28 14.36
C ASP B 106 24.88 3.11 13.50
N TYR B 107 24.25 2.11 14.11
CA TYR B 107 24.10 0.83 13.44
C TYR B 107 22.67 0.31 13.31
N VAL B 108 21.68 0.91 13.96
CA VAL B 108 20.30 0.47 13.78
C VAL B 108 19.37 1.64 14.03
N MET B 109 18.33 1.74 13.20
CA MET B 109 17.26 2.72 13.41
C MET B 109 16.26 2.07 14.34
N ASP B 110 16.30 2.44 15.63
CA ASP B 110 15.56 1.67 16.61
C ASP B 110 14.18 2.22 16.92
N TYR B 111 13.99 3.54 16.90
CA TYR B 111 12.70 4.17 17.19
C TYR B 111 12.32 5.06 16.04
N TRP B 112 11.08 4.93 15.57
CA TRP B 112 10.56 5.69 14.45
C TRP B 112 9.31 6.46 14.88
N GLY B 113 9.11 7.63 14.29
CA GLY B 113 7.88 8.36 14.51
C GLY B 113 6.72 7.75 13.75
N GLN B 114 5.55 8.37 13.90
CA GLN B 114 4.39 7.84 13.18
C GLN B 114 4.24 8.40 11.78
N GLY B 115 5.01 9.43 11.42
CA GLY B 115 5.11 9.82 10.04
C GLY B 115 4.36 11.11 9.74
N THR B 116 4.85 11.83 8.74
CA THR B 116 4.15 12.97 8.17
C THR B 116 4.06 12.74 6.68
N SER B 117 2.88 12.99 6.11
CA SER B 117 2.58 12.59 4.75
C SER B 117 2.81 13.76 3.79
N VAL B 118 3.54 13.47 2.71
CA VAL B 118 3.85 14.46 1.67
C VAL B 118 3.29 13.95 0.34
N THR B 119 2.47 14.77 -0.31
CA THR B 119 1.92 14.48 -1.63
C THR B 119 2.38 15.56 -2.58
N VAL B 120 3.00 15.14 -3.69
CA VAL B 120 3.48 16.06 -4.72
C VAL B 120 2.57 15.89 -5.93
N SER B 121 1.78 16.92 -6.24
CA SER B 121 0.82 16.83 -7.33
C SER B 121 0.41 18.23 -7.74
N SER B 122 0.20 18.42 -9.04
CA SER B 122 -0.36 19.67 -9.56
C SER B 122 -1.88 19.62 -9.68
N ALA B 123 -2.51 18.53 -9.26
CA ALA B 123 -3.95 18.41 -9.38
C ALA B 123 -4.65 19.46 -8.52
N LYS B 124 -5.80 19.90 -9.01
CA LYS B 124 -6.69 20.80 -8.29
C LYS B 124 -7.88 20.02 -7.74
N THR B 125 -8.53 20.60 -6.74
CA THR B 125 -9.72 19.96 -6.16
C THR B 125 -10.74 19.69 -7.24
N THR B 126 -11.11 18.41 -7.39
CA THR B 126 -11.99 17.96 -8.46
C THR B 126 -13.01 16.99 -7.89
N PRO B 127 -14.32 17.24 -8.05
CA PRO B 127 -15.30 16.27 -7.55
C PRO B 127 -15.31 15.03 -8.41
N PRO B 128 -15.70 13.88 -7.86
CA PRO B 128 -15.74 12.66 -8.65
C PRO B 128 -16.93 12.63 -9.60
N SER B 129 -16.74 11.90 -10.69
CA SER B 129 -17.85 11.45 -11.51
C SER B 129 -18.27 10.07 -11.00
N VAL B 130 -19.57 9.91 -10.74
CA VAL B 130 -20.08 8.66 -10.17
C VAL B 130 -20.88 7.92 -11.24
N TYR B 131 -20.42 6.71 -11.57
CA TYR B 131 -20.98 5.96 -12.65
C TYR B 131 -21.56 4.65 -12.13
N PRO B 132 -22.82 4.34 -12.45
CA PRO B 132 -23.39 3.08 -11.98
C PRO B 132 -22.84 1.90 -12.77
N LEU B 133 -22.50 0.85 -12.03
CA LEU B 133 -22.09 -0.43 -12.60
C LEU B 133 -23.27 -1.37 -12.48
N ALA B 134 -23.98 -1.56 -13.58
CA ALA B 134 -25.28 -2.18 -13.55
C ALA B 134 -25.23 -3.55 -14.19
N PRO B 135 -25.71 -4.58 -13.51
CA PRO B 135 -25.85 -5.88 -14.15
C PRO B 135 -26.94 -5.85 -15.20
N GLY B 136 -26.88 -6.83 -16.09
CA GLY B 136 -27.88 -6.93 -17.13
C GLY B 136 -27.29 -7.26 -18.49
N CYS B 137 -26.25 -6.53 -18.89
CA CYS B 137 -25.62 -6.76 -20.19
C CYS B 137 -24.73 -7.99 -20.15
N GLY B 142 -26.88 -16.74 -9.59
CA GLY B 142 -27.95 -17.47 -8.93
C GLY B 142 -28.94 -16.57 -8.23
N SER B 143 -29.10 -16.79 -6.92
CA SER B 143 -30.00 -15.97 -6.11
C SER B 143 -29.35 -14.65 -5.66
N SER B 144 -28.19 -14.30 -6.21
CA SER B 144 -27.46 -13.11 -5.79
C SER B 144 -27.08 -12.27 -7.00
N VAL B 145 -27.10 -10.96 -6.82
CA VAL B 145 -26.73 -10.00 -7.86
C VAL B 145 -25.69 -9.07 -7.28
N THR B 146 -24.63 -8.80 -8.04
CA THR B 146 -23.60 -7.86 -7.65
C THR B 146 -23.76 -6.59 -8.45
N LEU B 147 -23.73 -5.45 -7.76
CA LEU B 147 -23.80 -4.12 -8.36
C LEU B 147 -22.59 -3.33 -7.90
N GLY B 148 -22.32 -2.22 -8.57
CA GLY B 148 -21.17 -1.43 -8.18
C GLY B 148 -21.37 0.03 -8.52
N CYS B 149 -20.43 0.84 -8.02
CA CYS B 149 -20.34 2.22 -8.44
C CYS B 149 -18.88 2.53 -8.71
N LEU B 150 -18.63 3.20 -9.82
CA LEU B 150 -17.30 3.62 -10.19
C LEU B 150 -17.18 5.11 -9.90
N VAL B 151 -16.16 5.48 -9.16
CA VAL B 151 -16.01 6.83 -8.65
C VAL B 151 -14.71 7.36 -9.24
N LYS B 152 -14.80 8.17 -10.28
CA LYS B 152 -13.67 8.40 -11.15
C LYS B 152 -13.29 9.87 -11.20
N GLY B 153 -11.99 10.12 -11.18
CA GLY B 153 -11.47 11.42 -11.54
C GLY B 153 -11.60 12.48 -10.47
N TYR B 154 -11.33 12.14 -9.22
CA TYR B 154 -11.45 13.08 -8.13
C TYR B 154 -10.09 13.37 -7.48
N PHE B 155 -10.07 14.44 -6.70
CA PHE B 155 -8.87 14.89 -6.00
C PHE B 155 -9.30 15.91 -4.97
N PRO B 156 -8.74 15.87 -3.76
CA PRO B 156 -7.80 14.85 -3.25
C PRO B 156 -8.52 13.61 -2.76
N GLU B 157 -7.80 12.71 -2.08
CA GLU B 157 -8.45 11.78 -1.20
C GLU B 157 -9.01 12.54 0.01
N SER B 158 -10.07 12.00 0.62
CA SER B 158 -10.69 10.76 0.23
C SER B 158 -12.18 10.91 -0.06
N VAL B 159 -12.82 9.77 -0.27
CA VAL B 159 -14.24 9.66 -0.54
C VAL B 159 -14.79 8.55 0.33
N THR B 160 -16.10 8.59 0.56
CA THR B 160 -16.81 7.56 1.31
C THR B 160 -18.00 7.13 0.49
N VAL B 161 -18.07 5.83 0.18
CA VAL B 161 -19.17 5.27 -0.59
C VAL B 161 -19.98 4.38 0.34
N THR B 162 -21.26 4.67 0.46
CA THR B 162 -22.18 3.83 1.21
C THR B 162 -23.32 3.40 0.29
N TRP B 163 -24.01 2.33 0.71
CA TRP B 163 -25.05 1.71 -0.10
C TRP B 163 -26.37 1.73 0.69
N ASN B 164 -27.42 2.24 0.04
CA ASN B 164 -28.70 2.52 0.70
C ASN B 164 -28.48 3.23 2.03
N SER B 165 -27.74 4.34 1.96
CA SER B 165 -27.42 5.18 3.11
C SER B 165 -26.80 4.40 4.26
N GLY B 166 -26.09 3.32 3.93
CA GLY B 166 -25.39 2.53 4.91
C GLY B 166 -26.13 1.31 5.40
N SER B 167 -27.38 1.10 4.96
CA SER B 167 -28.13 -0.09 5.36
C SER B 167 -27.57 -1.37 4.74
N LEU B 168 -26.78 -1.25 3.69
CA LEU B 168 -26.10 -2.38 3.07
C LEU B 168 -24.61 -2.20 3.33
N SER B 169 -24.03 -3.09 4.14
CA SER B 169 -22.59 -3.06 4.36
C SER B 169 -21.97 -4.44 4.48
N SER B 170 -22.71 -5.48 4.86
CA SER B 170 -22.10 -6.78 5.12
C SER B 170 -21.47 -7.36 3.86
N SER B 171 -22.03 -7.07 2.69
CA SER B 171 -21.56 -7.62 1.43
C SER B 171 -20.82 -6.59 0.59
N VAL B 172 -20.44 -5.46 1.16
CA VAL B 172 -19.82 -4.37 0.40
C VAL B 172 -18.33 -4.61 0.34
N HIS B 173 -17.73 -4.33 -0.83
CA HIS B 173 -16.28 -4.30 -1.00
C HIS B 173 -15.88 -2.90 -1.43
N THR B 174 -14.97 -2.29 -0.68
CA THR B 174 -14.48 -0.95 -0.97
C THR B 174 -13.09 -1.08 -1.57
N PHE B 175 -12.94 -0.72 -2.86
CA PHE B 175 -11.62 -0.96 -3.43
C PHE B 175 -10.75 0.28 -3.30
N PRO B 176 -9.50 0.12 -2.86
CA PRO B 176 -8.64 1.27 -2.61
C PRO B 176 -8.42 2.11 -3.86
N ALA B 177 -8.39 3.43 -3.65
CA ALA B 177 -8.21 4.34 -4.77
C ALA B 177 -6.80 4.24 -5.35
N LEU B 178 -6.71 4.41 -6.65
CA LEU B 178 -5.43 4.49 -7.34
C LEU B 178 -5.41 5.71 -8.25
N LEU B 179 -4.20 6.15 -8.58
CA LEU B 179 -4.04 7.28 -9.47
C LEU B 179 -4.31 6.86 -10.91
N GLN B 180 -5.02 7.71 -11.63
CA GLN B 180 -5.34 7.45 -13.04
C GLN B 180 -5.48 8.82 -13.70
N SER B 181 -4.56 9.14 -14.60
CA SER B 181 -4.55 10.43 -15.29
C SER B 181 -4.42 11.60 -14.31
N GLY B 182 -3.59 11.42 -13.28
CA GLY B 182 -3.34 12.48 -12.31
C GLY B 182 -4.44 12.71 -11.30
N LEU B 183 -5.53 11.94 -11.36
CA LEU B 183 -6.64 12.01 -10.42
C LEU B 183 -6.87 10.61 -9.85
N TYR B 184 -7.64 10.52 -8.77
CA TYR B 184 -7.90 9.24 -8.12
C TYR B 184 -9.14 8.57 -8.69
N THR B 185 -9.12 7.23 -8.73
CA THR B 185 -10.27 6.43 -9.10
C THR B 185 -10.42 5.30 -8.09
N MET B 186 -11.65 5.05 -7.65
CA MET B 186 -11.95 3.89 -6.80
C MET B 186 -13.27 3.29 -7.25
N SER B 187 -13.59 2.12 -6.70
CA SER B 187 -14.87 1.50 -6.97
C SER B 187 -15.37 0.80 -5.72
N SER B 188 -16.66 0.49 -5.74
CA SER B 188 -17.31 -0.16 -4.62
C SER B 188 -18.32 -1.15 -5.19
N SER B 189 -18.37 -2.35 -4.62
CA SER B 189 -19.36 -3.33 -5.02
C SER B 189 -20.22 -3.73 -3.84
N VAL B 190 -21.44 -4.16 -4.14
CA VAL B 190 -22.40 -4.64 -3.15
C VAL B 190 -23.09 -5.84 -3.77
N THR B 191 -23.44 -6.81 -2.94
CA THR B 191 -24.13 -8.00 -3.41
C THR B 191 -25.45 -8.13 -2.66
N VAL B 192 -26.55 -8.26 -3.39
CA VAL B 192 -27.86 -8.35 -2.75
C VAL B 192 -28.61 -9.54 -3.35
N PRO B 193 -29.49 -10.17 -2.59
CA PRO B 193 -30.32 -11.25 -3.15
C PRO B 193 -31.21 -10.72 -4.27
N SER B 194 -31.48 -11.59 -5.24
CA SER B 194 -32.28 -11.19 -6.40
C SER B 194 -33.69 -10.76 -6.01
N SER B 195 -34.20 -11.26 -4.89
CA SER B 195 -35.54 -10.89 -4.46
C SER B 195 -35.65 -9.42 -4.07
N THR B 196 -34.51 -8.76 -3.85
CA THR B 196 -34.50 -7.34 -3.47
C THR B 196 -34.34 -6.43 -4.67
N TRP B 197 -33.26 -6.60 -5.44
CA TRP B 197 -33.04 -5.78 -6.63
C TRP B 197 -33.28 -6.59 -7.90
N PRO B 198 -33.94 -6.03 -8.92
CA PRO B 198 -34.37 -4.63 -9.02
C PRO B 198 -35.75 -4.31 -8.40
N SER B 199 -36.35 -5.29 -7.72
CA SER B 199 -37.69 -5.05 -7.15
C SER B 199 -37.67 -3.91 -6.14
N GLN B 200 -36.58 -3.77 -5.39
CA GLN B 200 -36.39 -2.67 -4.47
C GLN B 200 -35.16 -1.87 -4.90
N THR B 201 -35.11 -0.61 -4.46
CA THR B 201 -34.07 0.29 -4.96
C THR B 201 -32.73 0.00 -4.26
N VAL B 202 -31.66 0.08 -5.05
CA VAL B 202 -30.30 0.07 -4.54
C VAL B 202 -29.61 1.34 -5.02
N THR B 203 -29.05 2.11 -4.09
CA THR B 203 -28.44 3.38 -4.40
C THR B 203 -27.07 3.46 -3.75
N CYS B 204 -26.09 3.94 -4.49
CA CYS B 204 -24.79 4.25 -3.92
C CYS B 204 -24.72 5.75 -3.66
N SER B 205 -24.18 6.12 -2.51
CA SER B 205 -23.99 7.50 -2.13
C SER B 205 -22.50 7.77 -1.98
N VAL B 206 -22.02 8.81 -2.65
CA VAL B 206 -20.59 9.10 -2.71
C VAL B 206 -20.36 10.47 -2.11
N ALA B 207 -19.62 10.50 -1.02
CA ALA B 207 -19.30 11.75 -0.33
C ALA B 207 -17.84 12.08 -0.59
N HIS B 208 -17.58 13.27 -1.11
CA HIS B 208 -16.22 13.75 -1.34
C HIS B 208 -16.08 15.10 -0.65
N PRO B 209 -15.67 15.11 0.63
CA PRO B 209 -15.74 16.35 1.42
C PRO B 209 -14.97 17.52 0.82
N ALA B 210 -13.78 17.27 0.25
CA ALA B 210 -12.98 18.40 -0.23
C ALA B 210 -13.68 19.18 -1.33
N SER B 211 -14.54 18.54 -2.12
CA SER B 211 -15.24 19.22 -3.20
C SER B 211 -16.66 19.62 -2.82
N SER B 212 -17.05 19.47 -1.56
CA SER B 212 -18.40 19.72 -1.08
C SER B 212 -19.46 19.00 -1.92
N THR B 213 -19.22 17.71 -2.19
CA THR B 213 -20.17 16.94 -2.99
C THR B 213 -20.68 15.70 -2.24
N THR B 214 -21.97 15.42 -2.46
CA THR B 214 -22.59 14.14 -2.12
C THR B 214 -23.57 13.83 -3.22
N VAL B 215 -23.33 12.76 -3.96
CA VAL B 215 -24.20 12.41 -5.07
C VAL B 215 -24.75 11.02 -4.82
N ASP B 216 -26.02 10.85 -5.13
CA ASP B 216 -26.69 9.56 -5.08
C ASP B 216 -26.82 9.04 -6.49
N LYS B 217 -26.50 7.77 -6.69
CA LYS B 217 -26.70 7.12 -7.98
C LYS B 217 -27.56 5.88 -7.78
N LYS B 218 -28.77 5.91 -8.33
CA LYS B 218 -29.66 4.77 -8.27
C LYS B 218 -29.29 3.78 -9.37
N LEU B 219 -29.22 2.51 -9.01
CA LEU B 219 -28.79 1.47 -9.94
C LEU B 219 -29.99 0.97 -10.74
N GLU B 220 -29.85 0.97 -12.07
CA GLU B 220 -30.86 0.48 -13.00
C GLU B 220 -30.26 -0.60 -13.89
N PRO B 221 -31.00 -1.67 -14.16
CA PRO B 221 -30.45 -2.77 -14.98
C PRO B 221 -30.14 -2.31 -16.39
N SER B 222 -29.39 -3.17 -17.10
CA SER B 222 -29.28 -3.03 -18.55
C SER B 222 -30.63 -3.35 -19.19
N PHE C 2 26.89 4.45 9.81
CA PHE C 2 27.50 5.78 9.87
C PHE C 2 28.31 6.02 11.14
N GLY C 3 29.24 6.97 11.06
CA GLY C 3 30.12 7.26 12.19
C GLY C 3 29.42 8.09 13.25
N HIS C 4 29.63 7.70 14.51
CA HIS C 4 29.13 8.45 15.65
C HIS C 4 30.13 9.52 16.06
N ASP C 5 29.62 10.64 16.59
CA ASP C 5 30.46 11.75 17.00
C ASP C 5 30.71 11.69 18.50
N SER C 6 31.98 11.53 18.88
CA SER C 6 32.35 11.42 20.28
C SER C 6 32.52 12.78 20.93
#